data_3U55
#
_entry.id   3U55
#
_cell.length_a   44.100
_cell.length_b   155.390
_cell.length_c   78.350
_cell.angle_alpha   90.00
_cell.angle_beta   90.00
_cell.angle_gamma   90.00
#
_symmetry.space_group_name_H-M   'C 2 2 21'
#
loop_
_entity.id
_entity.type
_entity.pdbx_description
1 polymer 'Phosphoribosylaminoimidazole-succinocarboxamide synthase'
2 non-polymer 'SULFATE ION'
3 non-polymer 'ACETATE ION'
4 water water
#
_entity_poly.entity_id   1
_entity_poly.type   'polypeptide(L)'
_entity_poly.pdbx_seq_one_letter_code
;MVKLMEVYEGKAKKMIPIDDDKLIMEFKDDATAFDGTKKARFKGKGWLNAQLSVIFFKLLEEHGIKTHFIGVAGGNRLIV
EKLDMYPLEVVVRNVVAGSLKKRLPLPEGYELPEPIVELYYKNDELHDPMINYYHAKVLGISLDEIKKIEEIALKVNEIL
KDYLAKKGIILVDFKLEFGKDKNGDIVLADEISPDTCRFWDAKTKRSLDKDVFRFDKGDLIEAYKEIYERITGEKPEF
;
_entity_poly.pdbx_strand_id   A
#
# COMPACT_ATOMS: atom_id res chain seq x y z
N ALA A 12 -2.78 -12.79 -2.60
CA ALA A 12 -3.10 -11.98 -1.38
C ALA A 12 -4.52 -11.38 -1.43
N LYS A 13 -4.99 -11.09 -2.64
CA LYS A 13 -6.31 -10.48 -2.84
C LYS A 13 -7.03 -11.03 -4.08
N LYS A 14 -8.36 -11.06 -4.00
CA LYS A 14 -9.20 -11.49 -5.13
C LYS A 14 -10.24 -10.43 -5.46
N MET A 15 -10.46 -10.20 -6.76
CA MET A 15 -11.46 -9.23 -7.22
C MET A 15 -12.67 -9.95 -7.81
N ILE A 16 -13.87 -9.60 -7.33
CA ILE A 16 -15.11 -10.22 -7.77
C ILE A 16 -16.13 -9.18 -8.26
N PRO A 17 -16.40 -9.16 -9.59
CA PRO A 17 -17.29 -8.18 -10.22
C PRO A 17 -18.73 -8.25 -9.72
N ILE A 18 -19.30 -7.10 -9.41
CA ILE A 18 -20.72 -6.98 -9.07
C ILE A 18 -21.47 -6.40 -10.27
N ASP A 19 -21.05 -5.22 -10.71
CA ASP A 19 -21.57 -4.57 -11.92
C ASP A 19 -20.55 -3.58 -12.48
N ASP A 20 -21.04 -2.62 -13.26
CA ASP A 20 -20.19 -1.63 -13.90
C ASP A 20 -19.71 -0.55 -12.91
N ASP A 21 -20.37 -0.45 -11.76
CA ASP A 21 -20.10 0.60 -10.78
C ASP A 21 -19.18 0.15 -9.65
N LYS A 22 -19.25 -1.14 -9.31
CA LYS A 22 -18.56 -1.64 -8.13
C LYS A 22 -18.16 -3.10 -8.24
N LEU A 23 -17.26 -3.52 -7.36
CA LEU A 23 -16.86 -4.92 -7.26
C LEU A 23 -16.44 -5.25 -5.82
N ILE A 24 -16.18 -6.53 -5.59
CA ILE A 24 -15.70 -6.97 -4.29
C ILE A 24 -14.18 -7.12 -4.32
N MET A 25 -13.52 -6.50 -3.35
CA MET A 25 -12.12 -6.76 -3.12
C MET A 25 -12.00 -7.62 -1.86
N GLU A 26 -11.48 -8.83 -2.03
CA GLU A 26 -11.41 -9.81 -0.96
C GLU A 26 -9.97 -10.10 -0.58
N PHE A 27 -9.66 -9.98 0.72
CA PHE A 27 -8.30 -10.18 1.23
C PHE A 27 -8.13 -11.64 1.69
N LYS A 28 -7.05 -12.27 1.23
CA LYS A 28 -6.80 -13.68 1.54
C LYS A 28 -5.63 -13.83 2.51
N ASP A 29 -5.46 -15.04 3.04
CA ASP A 29 -4.39 -15.31 4.01
C ASP A 29 -3.05 -15.64 3.34
N ASP A 30 -3.05 -15.75 2.02
CA ASP A 30 -1.86 -16.06 1.23
C ASP A 30 -0.84 -14.93 1.25
N ALA A 31 0.44 -15.29 1.35
CA ALA A 31 1.54 -14.35 1.25
C ALA A 31 2.55 -14.82 0.21
N THR A 32 2.99 -13.89 -0.62
CA THR A 32 4.01 -14.16 -1.64
CA THR A 32 4.00 -14.17 -1.64
C THR A 32 5.14 -13.15 -1.53
N ALA A 33 6.36 -13.61 -1.84
CA ALA A 33 7.51 -12.72 -1.82
C ALA A 33 8.50 -13.13 -2.90
N PHE A 34 9.44 -12.23 -3.18
CA PHE A 34 10.53 -12.48 -4.12
C PHE A 34 10.04 -13.05 -5.45
N ASP A 35 9.10 -12.34 -6.07
CA ASP A 35 8.54 -12.68 -7.37
C ASP A 35 7.95 -14.09 -7.42
N GLY A 36 7.19 -14.45 -6.38
CA GLY A 36 6.47 -15.72 -6.34
C GLY A 36 7.22 -16.91 -5.79
N THR A 37 8.52 -16.77 -5.58
CA THR A 37 9.37 -17.88 -5.15
C THR A 37 9.16 -18.29 -3.69
N LYS A 38 8.77 -17.32 -2.85
CA LYS A 38 8.47 -17.59 -1.44
C LYS A 38 6.96 -17.49 -1.19
N LYS A 39 6.39 -18.56 -0.65
CA LYS A 39 4.94 -18.63 -0.41
C LYS A 39 4.64 -19.21 0.97
N ALA A 40 3.60 -18.67 1.60
CA ALA A 40 3.07 -19.19 2.86
C ALA A 40 1.67 -18.65 3.10
N ARG A 41 0.94 -19.30 4.01
CA ARG A 41 -0.39 -18.84 4.41
C ARG A 41 -0.39 -18.47 5.89
N PHE A 42 -0.90 -17.29 6.20
CA PHE A 42 -0.94 -16.81 7.58
C PHE A 42 -2.36 -16.57 8.04
N LYS A 43 -2.83 -17.42 8.97
CA LYS A 43 -4.22 -17.38 9.41
C LYS A 43 -4.57 -16.06 10.07
N GLY A 44 -5.52 -15.35 9.46
CA GLY A 44 -5.96 -14.05 9.95
C GLY A 44 -5.34 -12.85 9.25
N LYS A 45 -4.37 -13.07 8.37
CA LYS A 45 -3.72 -11.96 7.66
C LYS A 45 -4.72 -11.18 6.79
N GLY A 46 -5.58 -11.91 6.10
CA GLY A 46 -6.62 -11.30 5.27
C GLY A 46 -7.49 -10.33 6.05
N TRP A 47 -7.95 -10.77 7.22
CA TRP A 47 -8.79 -9.93 8.09
C TRP A 47 -8.07 -8.65 8.51
N LEU A 48 -6.82 -8.80 8.97
CA LEU A 48 -6.01 -7.65 9.38
C LEU A 48 -5.79 -6.66 8.24
N ASN A 49 -5.36 -7.16 7.08
CA ASN A 49 -5.14 -6.28 5.93
C ASN A 49 -6.41 -5.57 5.45
N ALA A 50 -7.53 -6.28 5.47
CA ALA A 50 -8.83 -5.69 5.13
C ALA A 50 -9.19 -4.56 6.10
N GLN A 51 -9.10 -4.85 7.40
CA GLN A 51 -9.46 -3.90 8.46
C GLN A 51 -8.57 -2.65 8.42
N LEU A 52 -7.27 -2.87 8.27
CA LEU A 52 -6.32 -1.76 8.20
C LEU A 52 -6.49 -0.91 6.94
N SER A 53 -6.83 -1.55 5.82
CA SER A 53 -7.12 -0.82 4.58
C SER A 53 -8.30 0.13 4.79
N VAL A 54 -9.38 -0.40 5.39
CA VAL A 54 -10.57 0.38 5.71
C VAL A 54 -10.21 1.59 6.56
N ILE A 55 -9.44 1.36 7.63
CA ILE A 55 -9.00 2.44 8.51
C ILE A 55 -8.26 3.53 7.72
N PHE A 56 -7.28 3.13 6.92
CA PHE A 56 -6.49 4.08 6.14
C PHE A 56 -7.32 4.80 5.07
N PHE A 57 -8.15 4.07 4.33
CA PHE A 57 -9.03 4.69 3.32
C PHE A 57 -9.94 5.75 3.93
N LYS A 58 -10.54 5.43 5.08
CA LYS A 58 -11.43 6.38 5.75
C LYS A 58 -10.69 7.64 6.17
N LEU A 59 -9.47 7.46 6.72
CA LEU A 59 -8.63 8.60 7.11
C LEU A 59 -8.29 9.50 5.91
N LEU A 60 -7.89 8.89 4.80
CA LEU A 60 -7.53 9.65 3.59
C LEU A 60 -8.74 10.39 3.00
N GLU A 61 -9.90 9.74 3.03
CA GLU A 61 -11.14 10.36 2.54
C GLU A 61 -11.49 11.62 3.35
N GLU A 62 -11.28 11.55 4.66
CA GLU A 62 -11.51 12.69 5.56
C GLU A 62 -10.59 13.86 5.22
N HIS A 63 -9.42 13.53 4.68
CA HIS A 63 -8.44 14.52 4.25
C HIS A 63 -8.56 14.89 2.76
N GLY A 64 -9.68 14.51 2.15
CA GLY A 64 -9.96 14.91 0.76
C GLY A 64 -9.30 14.10 -0.34
N ILE A 65 -8.79 12.92 -0.01
CA ILE A 65 -8.25 11.99 -1.01
C ILE A 65 -9.36 11.11 -1.55
N LYS A 66 -9.54 11.09 -2.87
CA LYS A 66 -10.49 10.18 -3.51
C LYS A 66 -9.95 8.77 -3.53
N THR A 67 -10.68 7.83 -2.92
CA THR A 67 -10.29 6.43 -2.91
C THR A 67 -11.41 5.56 -3.47
N HIS A 68 -11.08 4.31 -3.81
CA HIS A 68 -12.08 3.40 -4.35
C HIS A 68 -12.99 2.77 -3.27
N PHE A 69 -12.75 3.12 -2.01
CA PHE A 69 -13.51 2.52 -0.91
C PHE A 69 -14.97 2.97 -0.90
N ILE A 70 -15.87 1.99 -0.93
CA ILE A 70 -17.32 2.25 -0.78
C ILE A 70 -17.83 1.75 0.58
N GLY A 71 -17.60 0.46 0.87
CA GLY A 71 -18.04 -0.12 2.12
C GLY A 71 -17.49 -1.51 2.40
N VAL A 72 -17.85 -2.03 3.58
CA VAL A 72 -17.49 -3.40 3.95
C VAL A 72 -18.62 -4.36 3.60
N ALA A 73 -18.26 -5.57 3.21
CA ALA A 73 -19.22 -6.59 2.82
C ALA A 73 -19.05 -7.84 3.68
N GLY A 74 -18.71 -7.64 4.96
CA GLY A 74 -18.53 -8.73 5.91
C GLY A 74 -17.30 -9.57 5.66
N GLY A 75 -16.78 -10.18 6.72
CA GLY A 75 -15.56 -10.98 6.62
C GLY A 75 -14.37 -10.15 6.19
N ASN A 76 -13.68 -10.63 5.15
CA ASN A 76 -12.50 -9.95 4.61
C ASN A 76 -12.78 -9.27 3.27
N ARG A 77 -14.04 -8.86 3.09
CA ARG A 77 -14.51 -8.31 1.81
CA ARG A 77 -14.47 -8.29 1.81
C ARG A 77 -14.80 -6.81 1.90
N LEU A 78 -14.28 -6.06 0.94
CA LEU A 78 -14.59 -4.64 0.79
C LEU A 78 -15.35 -4.45 -0.52
N ILE A 79 -16.30 -3.53 -0.51
CA ILE A 79 -16.94 -3.08 -1.74
C ILE A 79 -16.19 -1.85 -2.21
N VAL A 80 -15.73 -1.90 -3.45
CA VAL A 80 -14.90 -0.86 -4.04
C VAL A 80 -15.46 -0.41 -5.38
N GLU A 81 -15.16 0.83 -5.75
CA GLU A 81 -15.57 1.42 -7.02
C GLU A 81 -14.79 0.80 -8.17
N LYS A 82 -15.48 0.46 -9.25
CA LYS A 82 -14.82 0.02 -10.48
C LYS A 82 -14.11 1.21 -11.15
N LEU A 83 -12.87 1.00 -11.57
CA LEU A 83 -12.06 2.04 -12.21
C LEU A 83 -11.35 1.51 -13.44
N ASP A 84 -11.01 2.41 -14.36
CA ASP A 84 -10.06 2.11 -15.42
C ASP A 84 -8.68 2.25 -14.79
N MET A 85 -8.04 1.12 -14.52
CA MET A 85 -6.80 1.11 -13.74
C MET A 85 -5.59 1.55 -14.54
N TYR A 86 -4.74 2.37 -13.93
CA TYR A 86 -3.42 2.63 -14.51
C TYR A 86 -2.53 1.43 -14.27
N PRO A 87 -1.70 1.06 -15.28
CA PRO A 87 -0.77 -0.05 -15.13
C PRO A 87 0.48 0.39 -14.34
N LEU A 88 0.26 0.96 -13.16
CA LEU A 88 1.35 1.53 -12.36
C LEU A 88 1.34 1.02 -10.93
N GLU A 89 2.55 0.88 -10.37
CA GLU A 89 2.74 0.85 -8.93
C GLU A 89 3.52 2.10 -8.56
N VAL A 90 2.98 2.88 -7.64
CA VAL A 90 3.57 4.16 -7.27
C VAL A 90 4.14 4.01 -5.87
N VAL A 91 5.45 4.13 -5.75
CA VAL A 91 6.12 3.90 -4.47
C VAL A 91 6.63 5.22 -3.89
N VAL A 92 6.23 5.54 -2.65
CA VAL A 92 6.74 6.73 -1.96
C VAL A 92 7.67 6.25 -0.85
N ARG A 93 8.85 6.86 -0.74
CA ARG A 93 9.87 6.41 0.20
C ARG A 93 10.39 7.59 1.05
N ASN A 94 10.35 7.42 2.36
CA ASN A 94 10.82 8.40 3.34
C ASN A 94 12.15 8.00 3.97
N VAL A 95 12.33 6.68 4.10
CA VAL A 95 13.52 6.09 4.71
C VAL A 95 14.04 5.05 3.74
N VAL A 96 15.37 4.94 3.61
CA VAL A 96 15.97 3.97 2.69
C VAL A 96 15.76 2.52 3.16
N ALA A 97 15.18 1.71 2.28
CA ALA A 97 14.92 0.30 2.54
C ALA A 97 14.66 -0.37 1.21
N GLY A 98 14.64 -1.71 1.20
CA GLY A 98 14.27 -2.49 0.03
C GLY A 98 15.11 -2.22 -1.20
N SER A 99 14.44 -2.11 -2.36
CA SER A 99 15.11 -1.98 -3.66
C SER A 99 15.90 -0.69 -3.83
N LEU A 100 15.58 0.33 -3.03
CA LEU A 100 16.28 1.61 -3.13
C LEU A 100 17.77 1.47 -2.85
N LYS A 101 18.12 0.53 -1.97
CA LYS A 101 19.53 0.26 -1.64
C LYS A 101 20.35 -0.20 -2.84
N LYS A 102 19.68 -0.67 -3.90
CA LYS A 102 20.34 -1.11 -5.12
C LYS A 102 20.34 -0.01 -6.18
N ARG A 103 19.76 1.14 -5.85
CA ARG A 103 19.70 2.25 -6.79
C ARG A 103 20.53 3.45 -6.34
N LEU A 104 20.54 3.70 -5.03
CA LEU A 104 21.35 4.75 -4.41
C LEU A 104 22.23 4.13 -3.33
N PRO A 105 23.51 4.54 -3.25
CA PRO A 105 24.45 3.88 -2.33
C PRO A 105 24.25 4.37 -0.90
N LEU A 106 23.06 4.11 -0.36
CA LEU A 106 22.70 4.60 0.95
C LEU A 106 22.32 3.44 1.84
N PRO A 107 22.61 3.55 3.15
CA PRO A 107 22.30 2.42 4.03
C PRO A 107 20.83 2.31 4.39
N GLU A 108 20.37 1.08 4.64
CA GLU A 108 19.07 0.84 5.24
C GLU A 108 18.89 1.76 6.46
N GLY A 109 17.79 2.49 6.51
CA GLY A 109 17.57 3.40 7.63
C GLY A 109 17.97 4.84 7.37
N TYR A 110 18.65 5.08 6.26
CA TYR A 110 19.03 6.45 5.88
C TYR A 110 17.75 7.28 5.73
N GLU A 111 17.75 8.43 6.41
CA GLU A 111 16.64 9.38 6.38
C GLU A 111 16.77 10.26 5.14
N LEU A 112 15.80 10.15 4.24
CA LEU A 112 15.81 10.94 3.02
C LEU A 112 15.53 12.43 3.31
N PRO A 113 16.25 13.35 2.62
CA PRO A 113 16.04 14.78 2.84
C PRO A 113 14.65 15.25 2.40
N GLU A 114 14.06 14.50 1.47
CA GLU A 114 12.66 14.67 1.06
C GLU A 114 12.19 13.34 0.44
N PRO A 115 10.85 13.15 0.38
CA PRO A 115 10.36 11.86 -0.14
C PRO A 115 10.80 11.59 -1.59
N ILE A 116 11.06 10.32 -1.88
CA ILE A 116 11.29 9.86 -3.26
C ILE A 116 9.99 9.23 -3.78
N VAL A 117 9.62 9.53 -5.02
CA VAL A 117 8.48 8.85 -5.66
C VAL A 117 9.01 8.08 -6.85
N GLU A 118 8.67 6.80 -6.92
CA GLU A 118 9.09 5.94 -8.02
C GLU A 118 7.87 5.37 -8.71
N LEU A 119 7.94 5.34 -10.05
CA LEU A 119 6.86 4.73 -10.84
C LEU A 119 7.34 3.40 -11.38
N TYR A 120 6.50 2.38 -11.24
CA TYR A 120 6.78 1.05 -11.79
C TYR A 120 5.68 0.66 -12.75
N TYR A 121 6.09 0.15 -13.90
CA TYR A 121 5.16 -0.31 -14.91
C TYR A 121 4.68 -1.73 -14.55
N LYS A 122 3.38 -1.90 -14.32
CA LYS A 122 2.82 -3.21 -13.99
C LYS A 122 2.79 -4.09 -15.23
N ASN A 123 3.70 -5.06 -15.28
CA ASN A 123 3.87 -5.95 -16.43
C ASN A 123 4.65 -7.17 -15.96
N ASP A 124 3.98 -8.31 -15.84
CA ASP A 124 4.59 -9.53 -15.31
C ASP A 124 5.76 -10.03 -16.15
N GLU A 125 5.59 -9.98 -17.47
CA GLU A 125 6.60 -10.42 -18.43
C GLU A 125 7.90 -9.63 -18.32
N LEU A 126 7.79 -8.36 -17.99
CA LEU A 126 8.97 -7.49 -17.86
C LEU A 126 9.41 -7.32 -16.40
N HIS A 127 8.72 -8.02 -15.49
CA HIS A 127 9.00 -8.01 -14.05
C HIS A 127 8.88 -6.61 -13.43
N ASP A 128 7.83 -5.89 -13.80
CA ASP A 128 7.49 -4.58 -13.22
C ASP A 128 8.67 -3.58 -13.18
N PRO A 129 9.21 -3.21 -14.35
CA PRO A 129 10.38 -2.35 -14.35
C PRO A 129 10.04 -0.93 -13.92
N MET A 130 11.03 -0.22 -13.37
CA MET A 130 10.84 1.19 -13.06
C MET A 130 10.75 1.97 -14.36
N ILE A 131 9.93 3.00 -14.37
CA ILE A 131 9.78 3.85 -15.55
C ILE A 131 9.83 5.32 -15.15
N ASN A 132 10.04 6.19 -16.13
CA ASN A 132 9.96 7.63 -15.89
C ASN A 132 8.76 8.24 -16.62
N TYR A 133 8.66 9.57 -16.62
CA TYR A 133 7.51 10.27 -17.21
C TYR A 133 7.40 10.05 -18.73
N TYR A 134 8.55 9.90 -19.38
CA TYR A 134 8.59 9.69 -20.83
C TYR A 134 8.06 8.30 -21.18
N HIS A 135 8.45 7.28 -20.42
CA HIS A 135 7.92 5.93 -20.67
C HIS A 135 6.41 5.94 -20.44
N ALA A 136 5.97 6.63 -19.38
CA ALA A 136 4.53 6.67 -19.04
C ALA A 136 3.70 7.25 -20.17
N LYS A 137 4.23 8.31 -20.81
CA LYS A 137 3.56 8.96 -21.94
C LYS A 137 3.41 7.99 -23.10
N VAL A 138 4.44 7.18 -23.35
CA VAL A 138 4.37 6.12 -24.38
C VAL A 138 3.31 5.06 -24.04
N LEU A 139 3.13 4.81 -22.75
CA LEU A 139 2.09 3.90 -22.27
C LEU A 139 0.67 4.52 -22.27
N GLY A 140 0.56 5.79 -22.66
CA GLY A 140 -0.74 6.45 -22.77
C GLY A 140 -1.14 7.29 -21.58
N ILE A 141 -0.18 7.54 -20.70
CA ILE A 141 -0.40 8.36 -19.51
C ILE A 141 0.25 9.74 -19.67
N SER A 142 -0.58 10.78 -19.72
CA SER A 142 -0.12 12.14 -19.98
C SER A 142 0.71 12.66 -18.81
N LEU A 143 1.54 13.67 -19.09
CA LEU A 143 2.34 14.28 -18.02
C LEU A 143 1.45 14.90 -16.93
N ASP A 144 0.32 15.49 -17.33
CA ASP A 144 -0.64 16.04 -16.35
C ASP A 144 -1.18 14.95 -15.43
N GLU A 145 -1.49 13.78 -16.00
CA GLU A 145 -1.95 12.64 -15.19
C GLU A 145 -0.86 12.18 -14.22
N ILE A 146 0.36 12.06 -14.73
CA ILE A 146 1.50 11.69 -13.87
C ILE A 146 1.69 12.69 -12.73
N LYS A 147 1.66 13.97 -13.04
CA LYS A 147 1.80 15.02 -12.02
C LYS A 147 0.70 14.93 -10.95
N LYS A 148 -0.55 14.74 -11.39
CA LYS A 148 -1.67 14.56 -10.47
C LYS A 148 -1.48 13.34 -9.56
N ILE A 149 -1.03 12.24 -10.17
CA ILE A 149 -0.77 11.00 -9.42
C ILE A 149 0.29 11.20 -8.33
N GLU A 150 1.41 11.83 -8.68
CA GLU A 150 2.48 12.05 -7.69
C GLU A 150 2.07 13.04 -6.59
N GLU A 151 1.28 14.05 -6.96
CA GLU A 151 0.73 15.01 -6.01
C GLU A 151 -0.14 14.30 -4.97
N ILE A 152 -1.04 13.44 -5.45
CA ILE A 152 -1.88 12.64 -4.55
C ILE A 152 -1.01 11.76 -3.65
N ALA A 153 -0.07 11.03 -4.25
CA ALA A 153 0.80 10.14 -3.49
C ALA A 153 1.59 10.87 -2.39
N LEU A 154 2.10 12.06 -2.73
CA LEU A 154 2.84 12.85 -1.74
C LEU A 154 1.96 13.38 -0.61
N LYS A 155 0.71 13.76 -0.94
CA LYS A 155 -0.25 14.17 0.09
C LYS A 155 -0.61 12.99 1.01
N VAL A 156 -0.94 11.85 0.40
CA VAL A 156 -1.17 10.59 1.13
C VAL A 156 -0.01 10.30 2.07
N ASN A 157 1.20 10.45 1.56
CA ASN A 157 2.39 10.25 2.39
C ASN A 157 2.35 11.12 3.64
N GLU A 158 2.11 12.42 3.48
CA GLU A 158 2.08 13.34 4.63
C GLU A 158 1.04 12.92 5.67
N ILE A 159 -0.17 12.61 5.22
CA ILE A 159 -1.27 12.19 6.09
C ILE A 159 -0.94 10.92 6.86
N LEU A 160 -0.49 9.89 6.15
CA LEU A 160 -0.17 8.60 6.76
C LEU A 160 1.02 8.69 7.72
N LYS A 161 2.08 9.36 7.28
CA LYS A 161 3.28 9.48 8.11
CA LYS A 161 3.30 9.53 8.07
C LYS A 161 3.00 10.24 9.40
N ASP A 162 2.23 11.33 9.32
CA ASP A 162 1.84 12.11 10.51
C ASP A 162 0.99 11.29 11.47
N TYR A 163 -0.03 10.62 10.92
CA TYR A 163 -0.96 9.78 11.68
C TYR A 163 -0.24 8.64 12.38
N LEU A 164 0.68 7.99 11.67
CA LEU A 164 1.39 6.83 12.20
C LEU A 164 2.45 7.22 13.24
N ALA A 165 3.11 8.36 13.02
CA ALA A 165 4.12 8.87 13.96
C ALA A 165 3.52 9.19 15.34
N LYS A 166 2.26 9.63 15.34
CA LYS A 166 1.54 9.90 16.60
C LYS A 166 1.14 8.60 17.30
N LYS A 167 1.35 7.48 16.63
CA LYS A 167 1.12 6.16 17.21
C LYS A 167 2.43 5.35 17.34
N GLY A 168 3.56 6.05 17.22
CA GLY A 168 4.88 5.46 17.43
C GLY A 168 5.35 4.55 16.32
N ILE A 169 4.90 4.82 15.10
CA ILE A 169 5.25 4.01 13.91
CA ILE A 169 5.36 4.02 13.98
C ILE A 169 5.86 4.90 12.82
N ILE A 170 7.00 4.50 12.28
CA ILE A 170 7.65 5.22 11.18
C ILE A 170 7.19 4.64 9.85
N LEU A 171 6.58 5.49 9.02
CA LEU A 171 6.23 5.10 7.67
C LEU A 171 7.48 5.17 6.81
N VAL A 172 8.07 4.01 6.55
CA VAL A 172 9.32 3.93 5.80
C VAL A 172 9.11 4.14 4.30
N ASP A 173 8.18 3.37 3.74
CA ASP A 173 7.74 3.52 2.35
C ASP A 173 6.37 2.87 2.20
N PHE A 174 5.74 3.04 1.03
CA PHE A 174 4.49 2.36 0.72
C PHE A 174 4.24 2.37 -0.78
N LYS A 175 3.38 1.46 -1.22
CA LYS A 175 3.06 1.29 -2.63
C LYS A 175 1.58 1.54 -2.88
N LEU A 176 1.29 2.41 -3.85
CA LEU A 176 -0.08 2.71 -4.24
C LEU A 176 -0.39 2.30 -5.68
N GLU A 177 -1.67 2.07 -5.95
CA GLU A 177 -2.17 1.94 -7.31
C GLU A 177 -3.33 2.91 -7.47
N PHE A 178 -3.59 3.31 -8.71
CA PHE A 178 -4.60 4.31 -9.03
C PHE A 178 -5.37 3.87 -10.27
N GLY A 179 -6.57 4.41 -10.40
CA GLY A 179 -7.37 4.25 -11.61
C GLY A 179 -8.16 5.51 -11.84
N LYS A 180 -8.86 5.56 -12.97
CA LYS A 180 -9.65 6.71 -13.35
C LYS A 180 -11.15 6.35 -13.30
N ASP A 181 -11.93 7.22 -12.67
CA ASP A 181 -13.37 7.00 -12.53
C ASP A 181 -14.12 7.55 -13.76
N LYS A 182 -15.44 7.45 -13.76
CA LYS A 182 -16.20 7.85 -14.96
C LYS A 182 -16.14 9.36 -15.24
N ASN A 183 -15.86 10.16 -14.21
CA ASN A 183 -15.68 11.60 -14.36
C ASN A 183 -14.28 12.01 -14.85
N GLY A 184 -13.39 11.04 -15.01
CA GLY A 184 -12.01 11.31 -15.39
C GLY A 184 -11.10 11.67 -14.22
N ASP A 185 -11.62 11.57 -13.00
CA ASP A 185 -10.83 11.87 -11.80
C ASP A 185 -9.93 10.68 -11.42
N ILE A 186 -8.77 10.99 -10.86
CA ILE A 186 -7.81 9.97 -10.47
C ILE A 186 -8.08 9.52 -9.03
N VAL A 187 -8.28 8.22 -8.88
CA VAL A 187 -8.78 7.63 -7.64
C VAL A 187 -7.79 6.58 -7.11
N LEU A 188 -7.48 6.67 -5.83
CA LEU A 188 -6.60 5.72 -5.14
CA LEU A 188 -6.61 5.72 -5.15
C LEU A 188 -7.31 4.36 -5.01
N ALA A 189 -6.63 3.30 -5.44
CA ALA A 189 -7.22 1.96 -5.47
C ALA A 189 -6.41 0.95 -4.65
N ASP A 190 -6.48 -0.32 -5.02
CA ASP A 190 -5.76 -1.41 -4.35
C ASP A 190 -5.98 -1.39 -2.83
N GLU A 191 -4.90 -1.55 -2.07
CA GLU A 191 -4.96 -1.68 -0.60
C GLU A 191 -3.93 -0.79 0.08
N ILE A 192 -4.10 -0.59 1.38
CA ILE A 192 -3.07 0.04 2.21
C ILE A 192 -2.96 -0.79 3.47
N SER A 193 -1.87 -1.52 3.61
CA SER A 193 -1.72 -2.52 4.67
C SER A 193 -0.25 -2.80 4.94
N PRO A 194 0.04 -3.61 5.99
CA PRO A 194 1.42 -4.02 6.23
C PRO A 194 2.02 -4.89 5.10
N ASP A 195 1.16 -5.33 4.17
CA ASP A 195 1.63 -5.98 2.93
C ASP A 195 2.23 -4.97 1.93
N THR A 196 1.70 -3.75 1.90
CA THR A 196 2.07 -2.76 0.89
C THR A 196 2.88 -1.58 1.43
N CYS A 197 3.11 -1.57 2.75
CA CYS A 197 3.85 -0.50 3.40
C CYS A 197 5.00 -1.10 4.20
N ARG A 198 6.06 -0.34 4.38
CA ARG A 198 7.03 -0.64 5.42
C ARG A 198 6.75 0.21 6.65
N PHE A 199 6.53 -0.46 7.78
CA PHE A 199 6.23 0.16 9.06
C PHE A 199 7.30 -0.25 10.07
N TRP A 200 8.00 0.71 10.67
CA TRP A 200 8.99 0.41 11.73
C TRP A 200 8.54 0.98 13.07
N ASP A 201 8.76 0.25 14.15
CA ASP A 201 8.51 0.80 15.48
C ASP A 201 9.42 2.02 15.68
N ALA A 202 8.87 3.12 16.19
CA ALA A 202 9.65 4.35 16.36
C ALA A 202 10.78 4.19 17.37
N LYS A 203 10.51 3.43 18.44
CA LYS A 203 11.51 3.20 19.48
C LYS A 203 12.62 2.24 19.02
N THR A 204 12.24 1.07 18.52
CA THR A 204 13.20 0.00 18.24
C THR A 204 13.68 -0.13 16.78
N LYS A 205 12.96 0.51 15.84
CA LYS A 205 13.25 0.40 14.39
C LYS A 205 12.95 -0.97 13.79
N ARG A 206 12.24 -1.84 14.53
CA ARG A 206 11.96 -3.18 13.99
C ARG A 206 10.73 -3.19 13.08
N SER A 207 10.77 -4.10 12.11
CA SER A 207 9.74 -4.20 11.06
C SER A 207 8.44 -4.72 11.62
N LEU A 208 7.34 -4.03 11.29
CA LEU A 208 6.01 -4.47 11.63
C LEU A 208 5.20 -4.54 10.33
N ASP A 209 5.69 -5.37 9.40
CA ASP A 209 5.20 -5.42 8.03
C ASP A 209 5.63 -6.71 7.34
N LYS A 210 5.41 -6.77 6.03
CA LYS A 210 5.74 -7.94 5.22
C LYS A 210 7.22 -8.36 5.25
N ASP A 211 8.12 -7.45 5.63
CA ASP A 211 9.56 -7.79 5.74
C ASP A 211 9.83 -8.87 6.80
N VAL A 212 8.92 -8.99 7.76
CA VAL A 212 8.98 -10.04 8.78
C VAL A 212 8.85 -11.42 8.10
N PHE A 213 8.01 -11.50 7.07
CA PHE A 213 7.88 -12.69 6.24
C PHE A 213 9.01 -12.81 5.21
N ARG A 214 9.33 -11.72 4.52
CA ARG A 214 10.41 -11.70 3.53
C ARG A 214 11.73 -12.21 4.12
N PHE A 215 12.06 -11.77 5.33
CA PHE A 215 13.37 -12.07 5.91
C PHE A 215 13.34 -12.84 7.22
N ASP A 216 12.23 -13.50 7.50
CA ASP A 216 12.04 -14.33 8.70
C ASP A 216 12.48 -13.60 9.98
N LYS A 217 11.92 -12.41 10.20
CA LYS A 217 12.32 -11.58 11.33
C LYS A 217 11.52 -11.91 12.58
N GLY A 218 10.53 -12.78 12.42
CA GLY A 218 9.66 -13.18 13.51
C GLY A 218 8.31 -13.67 13.02
N ASP A 219 7.31 -13.55 13.88
CA ASP A 219 5.96 -14.03 13.59
C ASP A 219 5.18 -12.93 12.87
N LEU A 220 4.85 -13.19 11.60
CA LEU A 220 4.14 -12.21 10.78
C LEU A 220 2.81 -11.77 11.40
N ILE A 221 2.01 -12.74 11.82
CA ILE A 221 0.70 -12.45 12.40
C ILE A 221 0.83 -11.55 13.64
N GLU A 222 1.79 -11.86 14.50
CA GLU A 222 2.04 -11.05 15.70
C GLU A 222 2.42 -9.60 15.35
N ALA A 223 3.25 -9.44 14.30
CA ALA A 223 3.65 -8.12 13.83
C ALA A 223 2.45 -7.32 13.30
N TYR A 224 1.60 -7.98 12.51
CA TYR A 224 0.41 -7.33 11.92
C TYR A 224 -0.63 -7.00 12.99
N LYS A 225 -0.74 -7.87 14.00
CA LYS A 225 -1.61 -7.61 15.15
C LYS A 225 -1.16 -6.38 15.92
N GLU A 226 0.15 -6.26 16.10
CA GLU A 226 0.75 -5.15 16.85
C GLU A 226 0.41 -3.82 16.19
N ILE A 227 0.57 -3.77 14.87
CA ILE A 227 0.14 -2.62 14.07
C ILE A 227 -1.33 -2.31 14.30
N TYR A 228 -2.17 -3.33 14.18
CA TYR A 228 -3.61 -3.17 14.36
C TYR A 228 -3.95 -2.63 15.75
N GLU A 229 -3.30 -3.21 16.77
CA GLU A 229 -3.53 -2.82 18.17
C GLU A 229 -3.10 -1.38 18.45
N ARG A 230 -1.94 -1.00 17.92
CA ARG A 230 -1.44 0.37 18.08
C ARG A 230 -2.33 1.40 17.42
N ILE A 231 -2.90 1.04 16.27
CA ILE A 231 -3.77 1.94 15.52
CA ILE A 231 -3.77 1.93 15.50
C ILE A 231 -5.16 2.04 16.15
N THR A 232 -5.75 0.89 16.47
CA THR A 232 -7.12 0.86 17.00
C THR A 232 -7.22 1.12 18.50
N GLY A 233 -6.19 0.75 19.23
CA GLY A 233 -6.22 0.80 20.70
C GLY A 233 -6.87 -0.42 21.32
N GLU A 234 -7.11 -1.45 20.50
CA GLU A 234 -7.75 -2.68 20.96
C GLU A 234 -7.24 -3.92 20.22
N LYS A 235 -7.34 -5.08 20.88
CA LYS A 235 -6.92 -6.36 20.31
C LYS A 235 -7.89 -6.82 19.21
N PRO A 236 -7.35 -7.42 18.13
CA PRO A 236 -8.17 -7.90 17.01
C PRO A 236 -9.09 -9.06 17.37
N GLU A 237 -10.32 -9.01 16.85
CA GLU A 237 -11.36 -10.00 17.17
C GLU A 237 -11.47 -11.13 16.15
N PHE A 238 -11.11 -10.84 14.90
CA PHE A 238 -11.16 -11.81 13.79
C PHE A 238 -12.56 -12.36 13.52
#